data_3HN0
#
_entry.id   3HN0
#
_cell.length_a   47.627
_cell.length_b   97.755
_cell.length_c   114.015
_cell.angle_alpha   90.000
_cell.angle_beta   90.000
_cell.angle_gamma   90.000
#
_symmetry.space_group_name_H-M   'P 21 21 21'
#
loop_
_entity.id
_entity.type
_entity.pdbx_description
1 polymer 'Nitrate transport protein'
2 non-polymer 'PHOSPHATE ION'
3 non-polymer DI(HYDROXYETHYL)ETHER
4 non-polymer 1,2-ETHANEDIOL
5 water water
#
_entity_poly.entity_id   1
_entity_poly.type   'polypeptide(L)'
_entity_poly.pdbx_seq_one_letter_code
;GTEDTVIKVSVLRGPSVIAFADWLENPPIIDNKKVQVKVVDSPDLAQALLIKQETDIAVLP(MSE)INAANLYNKGIKIK
LAGCPIWGTLYLVEKTPLKEPALYVFGNGTTPDILTRYYLGRQRLDYPLNYAFNTAGEITQGILAGKVNRAVLGEPFLSI
ALRKDSSLRITADLNHLTDNDTLGFAQTAVVYTPT(MSE)EKYRIAFEDALRASCQKAVRYPKETIHSLEEHGIFAQGAL
TPKSIERCKIYYLSAIEAKDAV(MSE)GFLRLIEQYEPKAVGGRLPDAGFIPEKQ
;
_entity_poly.pdbx_strand_id   A,B
#
# COMPACT_ATOMS: atom_id res chain seq x y z
N ASP A 4 30.08 -17.80 -20.66
CA ASP A 4 29.27 -16.56 -20.82
C ASP A 4 30.05 -15.36 -20.27
N THR A 5 29.98 -14.21 -20.95
CA THR A 5 30.65 -13.01 -20.51
C THR A 5 29.67 -11.88 -20.21
N VAL A 6 28.37 -12.11 -20.36
CA VAL A 6 27.36 -11.09 -20.08
C VAL A 6 26.25 -11.73 -19.26
N ILE A 7 25.51 -10.88 -18.56
CA ILE A 7 24.27 -11.24 -17.88
C ILE A 7 23.13 -10.67 -18.71
N LYS A 8 22.29 -11.55 -19.25
CA LYS A 8 21.22 -11.14 -20.15
C LYS A 8 19.95 -10.94 -19.35
N VAL A 9 19.42 -9.75 -19.44
CA VAL A 9 18.19 -9.34 -18.78
C VAL A 9 17.16 -8.98 -19.83
N SER A 10 16.05 -9.73 -19.83
CA SER A 10 14.98 -9.49 -20.78
CA SER A 10 14.97 -9.50 -20.78
C SER A 10 13.86 -8.79 -20.04
N VAL A 11 13.47 -7.61 -20.50
CA VAL A 11 12.41 -6.85 -19.87
C VAL A 11 11.20 -6.83 -20.84
N LEU A 12 10.06 -7.43 -20.48
CA LEU A 12 8.85 -7.30 -21.34
C LEU A 12 8.55 -5.79 -21.55
N ARG A 13 8.33 -5.38 -22.79
CA ARG A 13 8.02 -3.97 -23.11
C ARG A 13 6.94 -3.40 -22.20
N GLY A 14 7.11 -2.17 -21.75
CA GLY A 14 6.17 -1.58 -20.79
C GLY A 14 6.87 -0.74 -19.77
N PRO A 15 6.18 -0.35 -18.69
CA PRO A 15 6.74 0.47 -17.62
C PRO A 15 7.87 -0.11 -16.70
N SER A 16 8.02 -1.43 -16.65
CA SER A 16 9.11 -2.01 -15.91
CA SER A 16 9.13 -2.09 -15.98
C SER A 16 10.47 -1.59 -16.47
N VAL A 17 10.55 -1.22 -17.78
CA VAL A 17 11.85 -0.81 -18.37
C VAL A 17 12.30 0.49 -17.67
N ILE A 18 11.34 1.26 -17.14
CA ILE A 18 11.73 2.46 -16.44
C ILE A 18 12.61 2.17 -15.20
N ALA A 19 12.29 1.10 -14.48
CA ALA A 19 13.08 0.71 -13.34
C ALA A 19 14.50 0.32 -13.71
N PHE A 20 14.65 -0.22 -14.91
CA PHE A 20 15.90 -0.71 -15.45
C PHE A 20 16.61 0.33 -16.32
N ALA A 21 16.06 1.54 -16.45
CA ALA A 21 16.56 2.52 -17.41
C ALA A 21 18.04 2.78 -17.25
N ASP A 22 18.49 2.92 -16.00
CA ASP A 22 19.87 3.27 -15.79
C ASP A 22 20.81 2.12 -16.21
N TRP A 23 20.29 0.91 -16.32
CA TRP A 23 21.13 -0.21 -16.81
C TRP A 23 21.35 -0.17 -18.31
N LEU A 24 20.46 0.53 -19.03
CA LEU A 24 20.69 0.79 -20.45
C LEU A 24 21.67 1.89 -20.59
N GLU A 25 21.50 2.93 -19.79
CA GLU A 25 22.39 4.07 -19.81
C GLU A 25 23.80 3.69 -19.40
N ASN A 26 23.94 2.93 -18.31
CA ASN A 26 25.21 2.62 -17.64
C ASN A 26 25.19 1.17 -17.16
N PRO A 27 25.41 0.25 -18.08
CA PRO A 27 25.27 -1.18 -17.74
C PRO A 27 26.16 -1.56 -16.55
N PRO A 28 25.58 -2.17 -15.51
CA PRO A 28 26.38 -2.61 -14.36
C PRO A 28 27.28 -3.77 -14.74
N ILE A 29 28.38 -3.93 -14.01
CA ILE A 29 29.26 -5.07 -14.23
C ILE A 29 29.25 -5.87 -12.94
N ILE A 30 28.88 -7.13 -13.02
CA ILE A 30 28.84 -8.02 -11.88
C ILE A 30 29.75 -9.20 -12.18
N ASP A 31 30.74 -9.45 -11.31
CA ASP A 31 31.66 -10.59 -11.49
C ASP A 31 32.26 -10.59 -12.88
N ASN A 32 32.66 -9.40 -13.37
CA ASN A 32 33.32 -9.20 -14.67
C ASN A 32 32.38 -9.57 -15.83
N LYS A 33 31.08 -9.52 -15.57
CA LYS A 33 30.05 -9.66 -16.60
C LYS A 33 29.23 -8.43 -16.74
N LYS A 34 29.12 -7.91 -17.97
CA LYS A 34 28.27 -6.77 -18.21
C LYS A 34 26.79 -7.22 -18.22
N VAL A 35 25.93 -6.47 -17.55
CA VAL A 35 24.51 -6.68 -17.51
C VAL A 35 23.93 -6.02 -18.75
N GLN A 36 23.23 -6.81 -19.57
CA GLN A 36 22.76 -6.39 -20.88
C GLN A 36 21.25 -6.45 -20.92
N VAL A 37 20.59 -5.30 -20.91
CA VAL A 37 19.13 -5.25 -20.92
C VAL A 37 18.60 -5.22 -22.35
N LYS A 38 17.63 -6.08 -22.63
CA LYS A 38 16.95 -6.09 -23.93
C LYS A 38 15.45 -6.09 -23.69
N VAL A 39 14.75 -5.24 -24.42
CA VAL A 39 13.30 -5.18 -24.32
C VAL A 39 12.72 -6.24 -25.25
N VAL A 40 11.78 -7.02 -24.75
CA VAL A 40 11.14 -8.04 -25.57
C VAL A 40 9.68 -7.68 -25.71
N ASP A 41 9.08 -8.09 -26.83
CA ASP A 41 7.76 -7.56 -27.17
C ASP A 41 6.57 -8.33 -26.62
N SER A 42 6.76 -9.57 -26.13
CA SER A 42 5.66 -10.27 -25.47
C SER A 42 6.10 -11.23 -24.36
N PRO A 43 5.19 -11.50 -23.39
CA PRO A 43 5.42 -12.51 -22.37
C PRO A 43 5.78 -13.85 -23.00
N ASP A 44 5.07 -14.19 -24.07
CA ASP A 44 5.37 -15.38 -24.85
C ASP A 44 6.83 -15.43 -25.24
N LEU A 45 7.32 -14.35 -25.84
CA LEU A 45 8.71 -14.28 -26.28
C LEU A 45 9.65 -14.32 -25.07
N ALA A 46 9.29 -13.58 -24.01
CA ALA A 46 10.05 -13.64 -22.75
C ALA A 46 10.13 -15.06 -22.17
N GLN A 47 9.00 -15.77 -22.17
CA GLN A 47 8.93 -17.17 -21.69
C GLN A 47 9.78 -18.09 -22.51
N ALA A 48 9.70 -17.93 -23.84
CA ALA A 48 10.52 -18.73 -24.76
C ALA A 48 11.99 -18.55 -24.48
N LEU A 49 12.41 -17.30 -24.24
CA LEU A 49 13.81 -17.06 -23.90
C LEU A 49 14.25 -17.77 -22.65
N LEU A 50 13.39 -17.77 -21.63
CA LEU A 50 13.69 -18.47 -20.41
C LEU A 50 13.77 -19.98 -20.62
N ILE A 51 12.74 -20.53 -21.24
CA ILE A 51 12.77 -21.97 -21.55
C ILE A 51 14.00 -22.39 -22.37
N LYS A 52 14.31 -21.65 -23.42
CA LYS A 52 15.52 -21.93 -24.23
C LYS A 52 16.86 -21.61 -23.56
N GLN A 53 16.81 -21.04 -22.35
CA GLN A 53 17.99 -20.58 -21.62
C GLN A 53 18.79 -19.57 -22.44
N GLU A 54 18.07 -18.70 -23.10
CA GLU A 54 18.66 -17.62 -23.88
C GLU A 54 18.58 -16.27 -23.16
N THR A 55 18.00 -16.27 -21.97
CA THR A 55 18.09 -15.10 -21.08
C THR A 55 18.35 -15.61 -19.67
N ASP A 56 18.96 -14.76 -18.84
CA ASP A 56 19.37 -15.14 -17.50
C ASP A 56 18.35 -14.63 -16.45
N ILE A 57 17.83 -13.44 -16.69
CA ILE A 57 16.87 -12.76 -15.80
C ILE A 57 15.78 -12.24 -16.72
N ALA A 58 14.52 -12.27 -16.28
CA ALA A 58 13.46 -11.77 -17.13
C ALA A 58 12.47 -11.03 -16.27
N VAL A 59 11.78 -10.06 -16.84
N VAL A 59 11.93 -9.94 -16.81
CA VAL A 59 10.83 -9.30 -16.11
CA VAL A 59 10.71 -9.35 -16.30
C VAL A 59 9.50 -9.41 -16.86
C VAL A 59 9.57 -9.97 -17.09
N LEU A 60 8.48 -10.01 -16.23
N LEU A 60 8.58 -10.47 -16.35
CA LEU A 60 7.20 -10.33 -16.88
CA LEU A 60 7.27 -10.87 -16.90
C LEU A 60 6.14 -10.46 -15.82
C LEU A 60 6.19 -10.44 -15.90
N PRO A 61 4.90 -10.61 -16.26
CA PRO A 61 3.83 -10.56 -15.27
C PRO A 61 3.99 -11.66 -14.25
N ILE A 63 1.73 -13.39 -12.86
CA ILE A 63 0.95 -14.63 -13.15
C ILE A 63 1.74 -15.59 -14.07
N ASN A 64 2.47 -15.03 -15.03
CA ASN A 64 3.30 -15.87 -15.90
C ASN A 64 4.39 -16.53 -15.12
N ALA A 65 4.99 -15.78 -14.21
CA ALA A 65 6.07 -16.32 -13.39
C ALA A 65 5.57 -17.51 -12.59
N ALA A 66 4.41 -17.34 -11.96
CA ALA A 66 3.80 -18.41 -11.21
C ALA A 66 3.51 -19.65 -12.05
N ASN A 67 2.92 -19.43 -13.21
CA ASN A 67 2.58 -20.52 -14.12
C ASN A 67 3.83 -21.27 -14.57
N LEU A 68 4.84 -20.55 -15.04
CA LEU A 68 6.09 -21.20 -15.43
C LEU A 68 6.71 -22.04 -14.29
N TYR A 69 6.73 -21.47 -13.09
CA TYR A 69 7.23 -22.19 -11.93
C TYR A 69 6.38 -23.46 -11.68
N ASN A 70 5.06 -23.34 -11.69
CA ASN A 70 4.18 -24.47 -11.45
C ASN A 70 4.32 -25.58 -12.51
N LYS A 71 4.69 -25.17 -13.71
CA LYS A 71 4.86 -26.09 -14.83
C LYS A 71 6.23 -26.77 -14.88
N GLY A 72 7.13 -26.37 -14.00
CA GLY A 72 8.44 -27.06 -13.81
C GLY A 72 9.61 -26.32 -14.44
N ILE A 73 9.37 -25.13 -14.98
CA ILE A 73 10.50 -24.31 -15.54
C ILE A 73 11.40 -23.87 -14.41
N LYS A 74 12.73 -23.97 -14.58
CA LYS A 74 13.66 -23.69 -13.48
C LYS A 74 13.93 -22.17 -13.38
N ILE A 75 12.99 -21.49 -12.72
CA ILE A 75 13.13 -20.10 -12.37
C ILE A 75 12.70 -19.93 -10.92
N LYS A 76 13.15 -18.84 -10.32
CA LYS A 76 12.64 -18.41 -9.05
C LYS A 76 12.34 -16.93 -9.14
N LEU A 77 11.53 -16.48 -8.21
CA LEU A 77 11.18 -15.10 -8.13
C LEU A 77 12.18 -14.30 -7.28
N ALA A 78 12.82 -13.29 -7.86
CA ALA A 78 13.64 -12.37 -7.08
C ALA A 78 12.78 -11.37 -6.30
N GLY A 79 11.86 -10.70 -7.01
CA GLY A 79 11.10 -9.65 -6.41
C GLY A 79 10.32 -8.87 -7.44
N CYS A 80 9.83 -7.71 -7.02
CA CYS A 80 8.96 -6.87 -7.87
C CYS A 80 9.44 -5.43 -7.85
N PRO A 81 9.62 -4.79 -9.04
CA PRO A 81 10.19 -3.45 -9.09
C PRO A 81 9.23 -2.32 -9.36
N ILE A 82 7.97 -2.64 -9.59
CA ILE A 82 7.03 -1.63 -10.02
CA ILE A 82 6.97 -1.71 -10.12
C ILE A 82 5.69 -1.99 -9.41
N TRP A 83 4.98 -0.95 -8.94
CA TRP A 83 3.79 -1.17 -8.12
C TRP A 83 2.54 -0.39 -8.63
N GLY A 84 2.72 0.40 -9.66
CA GLY A 84 1.65 1.25 -10.21
C GLY A 84 1.41 0.90 -11.67
N THR A 85 0.51 -0.04 -11.93
CA THR A 85 0.31 -0.45 -13.29
C THR A 85 -1.05 -0.20 -13.89
N LEU A 86 -2.07 0.01 -13.06
CA LEU A 86 -3.42 0.10 -13.60
CA LEU A 86 -3.46 0.05 -13.54
C LEU A 86 -4.21 1.24 -12.97
N TYR A 87 -4.71 2.12 -13.86
CA TYR A 87 -5.53 3.22 -13.46
C TYR A 87 -6.81 3.32 -14.25
N LEU A 88 -7.88 3.78 -13.62
CA LEU A 88 -9.14 4.00 -14.33
C LEU A 88 -9.21 5.44 -14.80
N VAL A 89 -9.56 5.64 -16.07
CA VAL A 89 -9.74 6.97 -16.62
C VAL A 89 -11.17 7.12 -17.16
N GLU A 90 -11.70 8.32 -17.05
CA GLU A 90 -13.05 8.60 -17.51
CA GLU A 90 -13.04 8.62 -17.51
C GLU A 90 -13.08 9.98 -18.13
N LYS A 91 -13.90 10.13 -19.16
CA LYS A 91 -14.17 11.41 -19.78
C LYS A 91 -15.37 12.05 -19.12
N THR A 92 -15.34 13.38 -19.06
CA THR A 92 -16.50 14.20 -18.67
C THR A 92 -16.86 15.10 -19.86
N PRO A 93 -18.11 15.03 -20.33
CA PRO A 93 -19.19 14.15 -19.87
C PRO A 93 -19.02 12.70 -20.28
N LEU A 94 -19.68 11.83 -19.53
CA LEU A 94 -19.69 10.41 -19.83
C LEU A 94 -20.84 10.11 -20.77
N LYS A 95 -20.51 9.88 -22.04
CA LYS A 95 -21.49 9.47 -23.03
C LYS A 95 -21.71 7.97 -22.79
N GLU A 96 -21.52 7.12 -23.80
CA GLU A 96 -21.71 5.68 -23.58
C GLU A 96 -20.71 5.14 -22.53
N PRO A 97 -21.24 4.38 -21.54
CA PRO A 97 -20.49 4.14 -20.33
C PRO A 97 -19.76 2.80 -20.20
N ALA A 98 -19.57 2.06 -21.28
CA ALA A 98 -18.83 0.81 -21.19
C ALA A 98 -17.41 1.09 -20.73
N LEU A 99 -16.89 0.22 -19.85
CA LEU A 99 -15.53 0.30 -19.41
C LEU A 99 -14.70 -0.62 -20.28
N TYR A 100 -13.78 -0.04 -21.01
CA TYR A 100 -12.96 -0.81 -21.93
C TYR A 100 -11.73 -1.30 -21.22
N VAL A 101 -11.48 -2.61 -21.37
CA VAL A 101 -10.42 -3.32 -20.68
C VAL A 101 -9.58 -4.09 -21.69
N PHE A 102 -8.27 -3.91 -21.62
CA PHE A 102 -7.35 -4.65 -22.46
C PHE A 102 -6.93 -5.95 -21.70
N GLY A 103 -6.29 -6.86 -22.42
CA GLY A 103 -5.79 -8.11 -21.82
C GLY A 103 -6.84 -9.00 -21.18
N ASN A 104 -7.97 -9.17 -21.87
CA ASN A 104 -8.99 -10.09 -21.43
C ASN A 104 -8.39 -11.39 -20.91
N GLY A 105 -8.84 -11.82 -19.73
CA GLY A 105 -8.37 -13.04 -19.07
C GLY A 105 -7.05 -12.99 -18.32
N THR A 106 -6.40 -11.82 -18.30
CA THR A 106 -5.08 -11.66 -17.68
C THR A 106 -5.16 -10.62 -16.58
N THR A 107 -4.02 -10.27 -15.99
CA THR A 107 -3.98 -9.39 -14.81
C THR A 107 -4.90 -8.13 -14.90
N PRO A 108 -4.71 -7.27 -15.92
CA PRO A 108 -5.53 -6.05 -15.93
C PRO A 108 -7.03 -6.28 -15.89
N ASP A 109 -7.50 -7.29 -16.60
CA ASP A 109 -8.91 -7.65 -16.58
C ASP A 109 -9.41 -8.11 -15.19
N ILE A 110 -8.70 -9.07 -14.61
CA ILE A 110 -9.05 -9.60 -13.29
C ILE A 110 -9.06 -8.53 -12.21
N LEU A 111 -8.04 -7.68 -12.20
CA LEU A 111 -7.96 -6.60 -11.23
C LEU A 111 -9.05 -5.55 -11.41
N THR A 112 -9.46 -5.32 -12.63
CA THR A 112 -10.55 -4.38 -12.88
C THR A 112 -11.84 -5.01 -12.33
N ARG A 113 -12.04 -6.28 -12.61
CA ARG A 113 -13.23 -6.95 -12.07
C ARG A 113 -13.22 -6.93 -10.54
N TYR A 114 -12.05 -7.12 -9.94
CA TYR A 114 -11.95 -7.09 -8.50
C TYR A 114 -12.32 -5.73 -7.92
N TYR A 115 -11.76 -4.68 -8.53
CA TYR A 115 -12.02 -3.32 -8.12
C TYR A 115 -13.51 -2.97 -8.22
N LEU A 116 -14.13 -3.33 -9.32
CA LEU A 116 -15.55 -3.01 -9.51
C LEU A 116 -16.40 -3.73 -8.47
N GLY A 117 -16.09 -5.00 -8.20
CA GLY A 117 -16.80 -5.72 -7.13
C GLY A 117 -16.62 -5.11 -5.75
N ARG A 118 -15.38 -4.82 -5.40
CA ARG A 118 -15.04 -4.22 -4.11
C ARG A 118 -15.74 -2.86 -3.91
N GLN A 119 -15.80 -2.06 -4.96
CA GLN A 119 -16.39 -0.73 -4.86
C GLN A 119 -17.88 -0.73 -5.13
N ARG A 120 -18.43 -1.89 -5.47
CA ARG A 120 -19.89 -1.98 -5.78
C ARG A 120 -20.31 -1.11 -6.96
N LEU A 121 -19.52 -1.19 -8.02
CA LEU A 121 -19.78 -0.52 -9.28
C LEU A 121 -19.98 -1.71 -10.21
N ASP A 122 -20.77 -1.58 -11.27
N ASP A 122 -20.78 -1.55 -11.25
CA ASP A 122 -20.92 -2.75 -12.15
CA ASP A 122 -21.02 -2.70 -12.17
C ASP A 122 -20.92 -2.37 -13.63
C ASP A 122 -21.06 -2.18 -13.59
N TYR A 123 -19.99 -1.49 -13.99
CA TYR A 123 -19.90 -0.97 -15.34
C TYR A 123 -19.79 -2.12 -16.32
N PRO A 124 -20.46 -2.01 -17.47
CA PRO A 124 -20.34 -3.06 -18.49
C PRO A 124 -18.91 -3.09 -19.02
N LEU A 125 -18.30 -4.28 -19.04
CA LEU A 125 -16.93 -4.44 -19.53
C LEU A 125 -16.93 -4.66 -21.05
N ASN A 126 -16.07 -3.96 -21.76
CA ASN A 126 -15.96 -4.15 -23.18
C ASN A 126 -14.54 -4.54 -23.54
N TYR A 127 -14.41 -5.70 -24.18
CA TYR A 127 -13.14 -6.30 -24.51
C TYR A 127 -12.83 -6.18 -26.01
N ALA A 128 -13.47 -5.21 -26.64
CA ALA A 128 -13.26 -4.94 -28.08
C ALA A 128 -11.79 -4.67 -28.41
N PHE A 129 -11.04 -4.08 -27.48
CA PHE A 129 -9.64 -3.73 -27.72
C PHE A 129 -8.76 -4.55 -26.79
N ASN A 130 -7.87 -5.39 -27.34
CA ASN A 130 -7.10 -6.29 -26.46
CA ASN A 130 -7.09 -6.31 -26.48
C ASN A 130 -5.83 -5.67 -25.93
N THR A 131 -5.41 -4.53 -26.50
CA THR A 131 -4.20 -3.85 -26.07
C THR A 131 -4.47 -2.42 -25.57
N ALA A 132 -3.55 -1.97 -24.73
CA ALA A 132 -3.60 -0.63 -24.17
C ALA A 132 -3.48 0.40 -25.27
N GLY A 133 -2.64 0.15 -26.28
CA GLY A 133 -2.48 1.08 -27.41
C GLY A 133 -3.77 1.26 -28.17
N GLU A 134 -4.52 0.15 -28.33
CA GLU A 134 -5.79 0.19 -29.03
C GLU A 134 -6.86 0.93 -28.25
N ILE A 135 -6.89 0.71 -26.95
CA ILE A 135 -7.77 1.46 -26.04
C ILE A 135 -7.47 2.95 -26.10
N THR A 136 -6.19 3.31 -26.12
CA THR A 136 -5.79 4.74 -26.17
C THR A 136 -6.35 5.37 -27.44
N GLN A 137 -6.14 4.69 -28.56
CA GLN A 137 -6.65 5.18 -29.81
C GLN A 137 -8.18 5.29 -29.78
N GLY A 138 -8.88 4.30 -29.22
CA GLY A 138 -10.32 4.32 -29.07
C GLY A 138 -10.78 5.52 -28.25
N ILE A 139 -10.02 5.89 -27.24
CA ILE A 139 -10.38 7.09 -26.44
C ILE A 139 -10.27 8.34 -27.35
N LEU A 140 -9.15 8.43 -28.05
CA LEU A 140 -8.87 9.60 -28.88
C LEU A 140 -9.80 9.72 -30.09
N ALA A 141 -10.30 8.60 -30.59
CA ALA A 141 -11.21 8.59 -31.70
C ALA A 141 -12.65 8.86 -31.28
N GLY A 142 -12.93 8.81 -29.98
CA GLY A 142 -14.28 9.07 -29.46
C GLY A 142 -15.13 7.85 -29.13
N LYS A 143 -14.59 6.66 -29.28
CA LYS A 143 -15.31 5.41 -29.05
C LYS A 143 -15.32 5.07 -27.55
N VAL A 144 -14.26 5.42 -26.85
CA VAL A 144 -14.04 4.98 -25.47
C VAL A 144 -14.12 6.18 -24.51
N ASN A 145 -15.04 6.14 -23.54
CA ASN A 145 -15.20 7.18 -22.53
CA ASN A 145 -15.14 7.19 -22.54
C ASN A 145 -14.74 6.72 -21.15
N ARG A 146 -14.48 5.43 -20.99
CA ARG A 146 -14.06 4.93 -19.69
C ARG A 146 -13.19 3.71 -19.99
N ALA A 147 -12.02 3.66 -19.34
CA ALA A 147 -11.06 2.63 -19.60
C ALA A 147 -10.08 2.46 -18.47
N VAL A 148 -9.37 1.35 -18.53
CA VAL A 148 -8.21 1.14 -17.69
CA VAL A 148 -8.23 1.11 -17.70
C VAL A 148 -6.96 1.17 -18.54
N LEU A 149 -5.92 1.84 -18.00
CA LEU A 149 -4.62 1.99 -18.68
C LEU A 149 -3.47 2.03 -17.68
N GLY A 150 -2.30 1.65 -18.17
CA GLY A 150 -1.02 1.88 -17.50
C GLY A 150 -0.11 2.70 -18.42
N GLU A 151 1.09 3.01 -17.94
CA GLU A 151 2.00 3.89 -18.65
C GLU A 151 2.72 3.18 -19.75
N PRO A 152 3.08 3.86 -20.85
CA PRO A 152 2.97 5.29 -21.17
C PRO A 152 1.60 5.67 -21.75
N PHE A 153 0.77 4.67 -22.00
CA PHE A 153 -0.51 4.89 -22.71
C PHE A 153 -1.40 5.84 -21.91
N LEU A 154 -1.38 5.66 -20.61
CA LEU A 154 -2.11 6.53 -19.68
C LEU A 154 -1.75 8.00 -19.91
N SER A 155 -0.45 8.28 -19.88
CA SER A 155 0.05 9.64 -20.08
C SER A 155 -0.30 10.20 -21.44
N ILE A 156 -0.17 9.36 -22.45
CA ILE A 156 -0.49 9.77 -23.85
C ILE A 156 -1.99 10.12 -23.97
N ALA A 157 -2.85 9.29 -23.39
CA ALA A 157 -4.29 9.52 -23.41
C ALA A 157 -4.65 10.80 -22.68
N LEU A 158 -4.05 10.98 -21.52
CA LEU A 158 -4.28 12.20 -20.70
C LEU A 158 -3.81 13.48 -21.42
N ARG A 159 -2.69 13.40 -22.14
CA ARG A 159 -2.13 14.52 -22.88
CA ARG A 159 -2.16 14.55 -22.88
C ARG A 159 -3.05 14.84 -24.08
N LYS A 160 -3.39 13.80 -24.83
CA LYS A 160 -4.08 14.04 -26.10
C LYS A 160 -5.58 14.25 -25.99
N ASP A 161 -6.15 13.97 -24.83
CA ASP A 161 -7.52 14.32 -24.57
C ASP A 161 -7.54 14.98 -23.22
N SER A 162 -7.55 16.31 -23.24
CA SER A 162 -7.42 17.04 -22.00
C SER A 162 -8.66 17.04 -21.13
N SER A 163 -9.77 16.49 -21.63
N SER A 163 -9.77 16.45 -21.56
CA SER A 163 -10.98 16.18 -20.87
CA SER A 163 -10.93 16.21 -20.69
C SER A 163 -10.82 14.94 -19.95
C SER A 163 -11.02 14.77 -20.16
N LEU A 164 -9.92 14.03 -20.30
CA LEU A 164 -9.80 12.74 -19.66
C LEU A 164 -9.19 12.96 -18.28
N ARG A 165 -9.66 12.21 -17.30
CA ARG A 165 -9.14 12.25 -15.94
C ARG A 165 -8.94 10.85 -15.38
N ILE A 166 -7.93 10.69 -14.54
CA ILE A 166 -7.79 9.49 -13.70
C ILE A 166 -8.84 9.62 -12.57
N THR A 167 -9.68 8.60 -12.43
CA THR A 167 -10.70 8.56 -11.40
C THR A 167 -10.45 7.52 -10.32
N ALA A 168 -9.56 6.56 -10.57
CA ALA A 168 -9.23 5.55 -9.53
C ALA A 168 -7.90 4.93 -9.78
N ASP A 169 -7.29 4.46 -8.70
CA ASP A 169 -6.07 3.70 -8.68
C ASP A 169 -6.48 2.26 -8.45
N LEU A 170 -6.16 1.38 -9.38
CA LEU A 170 -6.61 -0.02 -9.32
C LEU A 170 -5.55 -0.99 -8.81
N ASN A 171 -4.54 -0.44 -8.14
CA ASN A 171 -3.38 -1.22 -7.75
C ASN A 171 -3.36 -1.75 -6.32
N HIS A 172 -4.46 -1.61 -5.58
CA HIS A 172 -4.45 -1.95 -4.16
C HIS A 172 -5.50 -2.97 -3.81
N LEU A 173 -5.16 -3.86 -2.87
CA LEU A 173 -6.13 -4.86 -2.37
C LEU A 173 -7.25 -4.17 -1.57
N THR A 174 -6.86 -3.25 -0.70
CA THR A 174 -7.73 -2.56 0.23
C THR A 174 -7.20 -1.15 0.35
N ASP A 175 -7.93 -0.26 1.03
CA ASP A 175 -7.37 1.07 1.35
C ASP A 175 -6.14 1.11 2.26
N ASN A 176 -6.12 0.37 3.35
CA ASN A 176 -4.88 0.30 4.16
C ASN A 176 -3.66 -0.32 3.41
N ASP A 177 -3.84 -0.74 2.15
CA ASP A 177 -2.76 -1.39 1.41
C ASP A 177 -2.09 -0.30 0.55
N THR A 178 -1.22 0.58 1.11
CA THR A 178 -0.51 1.57 0.27
C THR A 178 0.48 0.89 -0.67
N LEU A 179 0.92 -0.31 -0.36
CA LEU A 179 1.91 -0.99 -1.22
C LEU A 179 1.27 -1.42 -2.53
N GLY A 180 0.09 -2.01 -2.45
CA GLY A 180 -0.50 -2.59 -3.67
C GLY A 180 0.09 -3.88 -4.19
N PHE A 181 -0.48 -4.36 -5.29
CA PHE A 181 -0.24 -5.71 -5.74
C PHE A 181 1.15 -5.93 -6.34
N ALA A 182 1.76 -7.06 -6.02
CA ALA A 182 3.00 -7.46 -6.66
C ALA A 182 2.67 -8.12 -8.02
N GLN A 183 2.39 -7.29 -9.02
CA GLN A 183 1.88 -7.78 -10.34
C GLN A 183 2.97 -8.07 -11.33
N THR A 184 4.21 -7.62 -11.05
CA THR A 184 5.31 -7.76 -11.95
C THR A 184 6.46 -8.51 -11.28
N ALA A 185 6.99 -9.49 -11.99
CA ALA A 185 8.01 -10.37 -11.47
C ALA A 185 9.33 -10.16 -12.17
N VAL A 186 10.37 -10.10 -11.37
CA VAL A 186 11.73 -10.31 -11.84
C VAL A 186 12.06 -11.74 -11.49
N VAL A 187 12.32 -12.57 -12.51
CA VAL A 187 12.66 -13.97 -12.29
C VAL A 187 14.08 -14.26 -12.79
N TYR A 188 14.69 -15.32 -12.26
CA TYR A 188 16.06 -15.64 -12.58
C TYR A 188 16.25 -17.15 -12.64
N THR A 189 17.28 -17.51 -13.37
CA THR A 189 17.60 -18.92 -13.59
C THR A 189 18.66 -19.36 -12.59
N PRO A 190 18.90 -20.68 -12.48
CA PRO A 190 19.75 -21.14 -11.40
C PRO A 190 21.19 -20.60 -11.35
N THR A 191 21.78 -20.32 -12.50
CA THR A 191 23.15 -19.81 -12.50
C THR A 191 23.20 -18.37 -12.06
N GLU A 193 21.68 -17.47 -9.15
CA GLU A 193 21.53 -17.41 -7.69
C GLU A 193 22.70 -16.70 -6.99
N LYS A 194 23.91 -17.04 -7.41
CA LYS A 194 25.11 -16.44 -6.86
C LYS A 194 25.13 -14.95 -7.11
N TYR A 195 24.37 -14.44 -8.07
CA TYR A 195 24.40 -13.01 -8.40
C TYR A 195 23.20 -12.30 -7.89
N ARG A 196 22.34 -13.02 -7.21
CA ARG A 196 21.02 -12.42 -6.87
C ARG A 196 21.16 -11.14 -6.03
N ILE A 197 21.85 -11.22 -4.91
CA ILE A 197 22.04 -10.05 -4.08
C ILE A 197 22.73 -8.91 -4.85
N ALA A 198 23.80 -9.21 -5.59
CA ALA A 198 24.46 -8.17 -6.42
C ALA A 198 23.48 -7.47 -7.41
N PHE A 199 22.68 -8.28 -8.09
CA PHE A 199 21.74 -7.71 -9.06
CA PHE A 199 21.70 -7.79 -9.05
C PHE A 199 20.61 -6.95 -8.37
N GLU A 200 20.15 -7.43 -7.24
CA GLU A 200 19.15 -6.68 -6.44
C GLU A 200 19.72 -5.37 -5.97
N ASP A 201 20.94 -5.35 -5.45
CA ASP A 201 21.56 -4.11 -5.06
C ASP A 201 21.59 -3.13 -6.23
N ALA A 202 21.97 -3.61 -7.43
CA ALA A 202 22.07 -2.67 -8.56
C ALA A 202 20.69 -2.23 -9.01
N LEU A 203 19.68 -3.11 -8.88
CA LEU A 203 18.34 -2.76 -9.29
C LEU A 203 17.75 -1.73 -8.35
N ARG A 204 18.02 -1.85 -7.05
CA ARG A 204 17.62 -0.82 -6.11
C ARG A 204 18.17 0.54 -6.52
N ALA A 205 19.43 0.60 -6.94
CA ALA A 205 20.01 1.84 -7.35
C ALA A 205 19.34 2.41 -8.59
N SER A 206 19.05 1.53 -9.56
CA SER A 206 18.40 1.94 -10.80
C SER A 206 16.98 2.44 -10.52
N CYS A 207 16.30 1.78 -9.59
CA CYS A 207 14.92 2.17 -9.22
C CYS A 207 14.96 3.54 -8.53
N GLN A 208 15.93 3.73 -7.63
CA GLN A 208 16.07 4.99 -6.91
CA GLN A 208 16.08 5.00 -6.91
C GLN A 208 16.35 6.16 -7.87
N LYS A 209 17.18 5.90 -8.85
CA LYS A 209 17.52 6.88 -9.82
C LYS A 209 16.30 7.30 -10.64
N ALA A 210 15.46 6.34 -11.07
CA ALA A 210 14.23 6.67 -11.76
C ALA A 210 13.38 7.61 -10.94
N VAL A 211 13.24 7.33 -9.64
CA VAL A 211 12.37 8.13 -8.72
C VAL A 211 12.94 9.51 -8.39
N ARG A 212 14.25 9.57 -8.20
CA ARG A 212 14.92 10.77 -7.82
C ARG A 212 15.28 11.68 -8.97
N TYR A 213 15.59 11.11 -10.13
CA TYR A 213 16.02 11.82 -11.33
C TYR A 213 15.12 11.44 -12.51
N PRO A 214 13.83 11.76 -12.39
CA PRO A 214 12.92 11.32 -13.48
C PRO A 214 13.19 11.95 -14.83
N LYS A 215 13.55 13.23 -14.86
CA LYS A 215 13.75 13.85 -16.15
C LYS A 215 14.95 13.21 -16.87
N GLU A 216 16.02 12.94 -16.12
CA GLU A 216 17.21 12.31 -16.68
C GLU A 216 16.91 10.90 -17.14
N THR A 217 16.07 10.21 -16.37
CA THR A 217 15.64 8.84 -16.69
C THR A 217 14.87 8.85 -18.01
N ILE A 218 13.90 9.75 -18.14
CA ILE A 218 13.13 9.88 -19.33
C ILE A 218 14.01 10.19 -20.54
N HIS A 219 14.91 11.16 -20.35
CA HIS A 219 15.84 11.56 -21.37
C HIS A 219 16.61 10.35 -21.88
N SER A 220 17.12 9.55 -20.96
CA SER A 220 17.88 8.36 -21.37
C SER A 220 17.04 7.34 -22.10
N LEU A 221 15.82 7.08 -21.62
CA LEU A 221 14.93 6.18 -22.31
C LEU A 221 14.62 6.64 -23.73
N GLU A 222 14.43 7.95 -23.88
CA GLU A 222 14.16 8.53 -25.20
C GLU A 222 15.37 8.36 -26.12
N GLU A 223 16.57 8.67 -25.62
CA GLU A 223 17.78 8.49 -26.43
C GLU A 223 17.97 7.07 -26.91
N HIS A 224 17.61 6.12 -26.07
CA HIS A 224 17.72 4.67 -26.39
C HIS A 224 16.56 4.13 -27.18
N GLY A 225 15.65 5.00 -27.58
CA GLY A 225 14.47 4.64 -28.39
C GLY A 225 13.41 3.77 -27.72
N ILE A 226 13.34 3.77 -26.39
CA ILE A 226 12.46 2.88 -25.70
C ILE A 226 11.07 3.47 -25.72
N PHE A 227 10.97 4.79 -25.52
CA PHE A 227 9.70 5.49 -25.62
C PHE A 227 9.88 6.69 -26.53
N ALA A 228 8.78 7.09 -27.16
CA ALA A 228 8.77 8.26 -28.01
C ALA A 228 9.02 9.52 -27.18
N GLN A 229 9.60 10.52 -27.83
CA GLN A 229 9.93 11.78 -27.18
CA GLN A 229 9.92 11.75 -27.14
C GLN A 229 8.65 12.40 -26.60
N GLY A 230 8.67 12.77 -25.33
CA GLY A 230 7.49 13.39 -24.70
C GLY A 230 6.38 12.43 -24.27
N ALA A 231 6.52 11.12 -24.53
CA ALA A 231 5.51 10.17 -24.07
C ALA A 231 5.39 10.11 -22.52
N LEU A 232 6.53 10.03 -21.84
CA LEU A 232 6.57 10.04 -20.39
C LEU A 232 6.92 11.43 -19.87
N THR A 233 6.37 11.75 -18.69
CA THR A 233 6.72 12.91 -17.92
C THR A 233 7.05 12.44 -16.48
N PRO A 234 7.63 13.33 -15.64
CA PRO A 234 7.85 12.90 -14.27
C PRO A 234 6.61 12.41 -13.56
N LYS A 235 5.42 12.95 -13.89
CA LYS A 235 4.18 12.40 -13.29
C LYS A 235 3.90 10.96 -13.70
N SER A 236 4.30 10.59 -14.92
CA SER A 236 4.16 9.23 -15.42
C SER A 236 5.01 8.32 -14.54
N ILE A 237 6.23 8.73 -14.28
CA ILE A 237 7.12 7.92 -13.41
C ILE A 237 6.54 7.77 -12.02
N GLU A 238 6.00 8.87 -11.47
CA GLU A 238 5.37 8.81 -10.16
C GLU A 238 4.24 7.78 -10.10
N ARG A 239 3.39 7.77 -11.14
CA ARG A 239 2.32 6.79 -11.21
C ARG A 239 2.76 5.32 -11.30
N CYS A 240 3.98 5.09 -11.81
CA CYS A 240 4.49 3.72 -11.89
C CYS A 240 4.89 3.18 -10.53
N LYS A 241 5.12 4.05 -9.54
CA LYS A 241 5.43 3.56 -8.17
C LYS A 241 6.62 2.56 -8.22
N ILE A 242 7.75 3.10 -8.66
CA ILE A 242 8.97 2.34 -8.90
CA ILE A 242 8.96 2.33 -8.86
C ILE A 242 9.72 2.16 -7.57
N TYR A 243 9.97 0.90 -7.21
CA TYR A 243 10.69 0.55 -5.99
C TYR A 243 10.88 -0.95 -5.97
N TYR A 244 12.09 -1.40 -5.68
CA TYR A 244 12.33 -2.83 -5.67
C TYR A 244 12.13 -3.42 -4.27
N LEU A 245 11.26 -4.41 -4.17
CA LEU A 245 11.18 -5.28 -3.01
C LEU A 245 11.48 -6.70 -3.39
N SER A 246 12.35 -7.33 -2.58
CA SER A 246 12.63 -8.75 -2.68
CA SER A 246 12.62 -8.74 -2.75
CA SER A 246 12.61 -8.73 -2.77
C SER A 246 11.37 -9.55 -2.40
N ALA A 247 11.24 -10.71 -3.02
CA ALA A 247 10.12 -11.60 -2.83
C ALA A 247 9.99 -12.03 -1.36
N ILE A 248 11.12 -12.18 -0.69
CA ILE A 248 11.07 -12.56 0.74
CA ILE A 248 11.11 -12.56 0.72
C ILE A 248 10.31 -11.47 1.50
N GLU A 249 10.69 -10.22 1.27
CA GLU A 249 10.05 -9.07 1.96
C GLU A 249 8.62 -8.83 1.50
N ALA A 250 8.31 -9.21 0.27
CA ALA A 250 7.00 -8.94 -0.30
C ALA A 250 6.15 -10.21 -0.43
N LYS A 251 6.46 -11.24 0.36
CA LYS A 251 5.86 -12.56 0.17
C LYS A 251 4.34 -12.43 0.30
N ASP A 252 3.88 -11.61 1.25
CA ASP A 252 2.44 -11.45 1.42
C ASP A 252 1.74 -10.76 0.29
N ALA A 253 2.33 -9.70 -0.26
N ALA A 253 2.35 -9.72 -0.30
CA ALA A 253 1.84 -9.12 -1.48
CA ALA A 253 1.83 -9.08 -1.51
C ALA A 253 1.74 -10.25 -2.51
C ALA A 253 1.91 -9.98 -2.75
N VAL A 254 2.84 -10.93 -2.74
CA VAL A 254 2.97 -11.86 -3.87
C VAL A 254 1.88 -12.89 -3.77
N GLY A 256 -0.76 -13.05 -1.75
CA GLY A 256 -2.10 -12.42 -1.79
C GLY A 256 -2.61 -12.06 -3.17
N PHE A 257 -1.77 -11.48 -4.00
CA PHE A 257 -2.09 -11.21 -5.39
C PHE A 257 -2.43 -12.51 -6.16
N LEU A 258 -1.57 -13.52 -6.06
CA LEU A 258 -1.77 -14.78 -6.78
C LEU A 258 -3.08 -15.46 -6.33
N ARG A 259 -3.38 -15.41 -5.03
CA ARG A 259 -4.61 -15.94 -4.50
C ARG A 259 -5.80 -15.23 -5.08
N LEU A 260 -5.73 -13.90 -5.18
CA LEU A 260 -6.81 -13.14 -5.78
CA LEU A 260 -6.82 -13.13 -5.79
C LEU A 260 -7.03 -13.58 -7.24
N ILE A 261 -5.96 -13.65 -8.03
CA ILE A 261 -6.08 -14.06 -9.42
C ILE A 261 -6.70 -15.47 -9.53
N GLU A 262 -6.24 -16.36 -8.68
CA GLU A 262 -6.70 -17.73 -8.69
C GLU A 262 -8.22 -17.81 -8.42
N GLN A 263 -8.75 -16.86 -7.64
CA GLN A 263 -10.19 -16.85 -7.34
C GLN A 263 -11.04 -16.64 -8.57
N TYR A 264 -10.48 -15.90 -9.53
CA TYR A 264 -11.17 -15.52 -10.77
C TYR A 264 -10.82 -16.48 -11.89
N GLU A 265 -9.56 -16.88 -12.00
CA GLU A 265 -9.02 -17.64 -13.12
C GLU A 265 -7.86 -18.53 -12.71
N PRO A 266 -8.15 -19.65 -12.06
CA PRO A 266 -7.04 -20.50 -11.54
C PRO A 266 -6.05 -20.97 -12.61
N LYS A 267 -6.51 -21.15 -13.84
CA LYS A 267 -5.62 -21.51 -14.92
C LYS A 267 -4.56 -20.45 -15.17
N ALA A 268 -4.87 -19.17 -14.90
CA ALA A 268 -3.89 -18.08 -15.17
C ALA A 268 -2.59 -18.24 -14.35
N VAL A 269 -2.66 -18.93 -13.19
CA VAL A 269 -1.43 -19.13 -12.40
C VAL A 269 -0.97 -20.58 -12.44
N GLY A 270 -1.57 -21.38 -13.30
CA GLY A 270 -1.23 -22.76 -13.43
C GLY A 270 -1.93 -23.70 -12.49
N GLY A 271 -3.07 -23.28 -11.92
CA GLY A 271 -3.94 -24.19 -11.21
C GLY A 271 -3.72 -24.31 -9.70
N ARG A 272 -2.66 -23.68 -9.20
CA ARG A 272 -2.36 -23.69 -7.77
C ARG A 272 -1.42 -22.56 -7.44
N LEU A 273 -1.37 -22.20 -6.16
CA LEU A 273 -0.39 -21.23 -5.69
CA LEU A 273 -0.39 -21.20 -5.70
C LEU A 273 0.97 -21.90 -5.69
N PRO A 274 2.03 -21.19 -6.15
CA PRO A 274 3.38 -21.78 -6.13
C PRO A 274 3.78 -22.17 -4.71
N ASP A 275 4.51 -23.28 -4.57
CA ASP A 275 5.04 -23.71 -3.29
C ASP A 275 6.24 -22.88 -2.84
N ALA A 276 6.87 -23.28 -1.73
CA ALA A 276 7.86 -22.42 -1.09
C ALA A 276 9.13 -22.23 -1.94
N GLY A 277 9.43 -23.14 -2.84
CA GLY A 277 10.62 -23.02 -3.71
C GLY A 277 10.56 -21.88 -4.75
N PHE A 278 9.39 -21.26 -4.91
CA PHE A 278 9.23 -20.13 -5.84
C PHE A 278 10.08 -18.95 -5.42
N ILE A 279 10.23 -18.79 -4.10
CA ILE A 279 10.98 -17.66 -3.50
C ILE A 279 12.28 -18.19 -2.85
N PRO A 280 13.44 -17.53 -3.09
CA PRO A 280 14.64 -18.03 -2.41
C PRO A 280 14.51 -17.99 -0.87
N GLU A 281 15.15 -18.96 -0.20
CA GLU A 281 15.24 -18.99 1.27
C GLU A 281 16.09 -17.80 1.75
N LYS A 282 15.91 -17.43 3.02
CA LYS A 282 16.58 -16.25 3.61
C LYS A 282 18.10 -16.45 3.79
N GLN A 283 18.48 -17.70 4.11
CA GLN A 283 19.88 -18.18 4.36
C GLN A 283 20.97 -17.17 4.80
N THR B 2 4.04 -24.40 20.16
CA THR B 2 4.10 -22.97 19.69
C THR B 2 3.96 -21.95 20.84
N GLU B 3 3.16 -22.30 21.86
CA GLU B 3 3.12 -21.53 23.12
C GLU B 3 4.53 -21.49 23.76
N ASP B 4 5.21 -22.63 23.79
CA ASP B 4 6.55 -22.74 24.41
C ASP B 4 7.67 -22.06 23.59
N THR B 5 7.32 -21.63 22.37
CA THR B 5 8.30 -21.17 21.37
C THR B 5 8.28 -19.68 21.06
N VAL B 6 7.09 -19.14 20.81
CA VAL B 6 6.99 -17.74 20.34
C VAL B 6 5.83 -17.00 21.00
N ILE B 7 5.90 -15.69 20.92
CA ILE B 7 4.83 -14.82 21.42
C ILE B 7 4.32 -14.17 20.13
N LYS B 8 3.07 -14.47 19.78
CA LYS B 8 2.46 -14.01 18.55
C LYS B 8 1.77 -12.67 18.78
N VAL B 9 2.22 -11.66 18.05
CA VAL B 9 1.68 -10.32 18.09
C VAL B 9 1.13 -9.99 16.72
N SER B 10 -0.15 -9.72 16.68
CA SER B 10 -0.76 -9.31 15.44
CA SER B 10 -0.77 -9.31 15.44
C SER B 10 -0.87 -7.80 15.45
N VAL B 11 -0.53 -7.14 14.35
CA VAL B 11 -0.74 -5.69 14.27
C VAL B 11 -1.53 -5.38 13.01
N LEU B 12 -2.55 -4.53 13.16
CA LEU B 12 -3.39 -4.08 12.04
C LEU B 12 -2.55 -3.13 11.18
N ARG B 13 -2.53 -3.34 9.86
CA ARG B 13 -1.75 -2.51 8.93
C ARG B 13 -2.31 -1.11 8.98
N GLY B 14 -1.44 -0.16 9.23
CA GLY B 14 -1.82 1.22 9.47
C GLY B 14 -0.76 1.90 10.32
N PRO B 15 -1.04 3.14 10.72
CA PRO B 15 -0.04 3.98 11.38
C PRO B 15 0.47 3.38 12.68
N SER B 16 -0.32 2.54 13.33
CA SER B 16 0.17 2.00 14.59
C SER B 16 1.31 0.97 14.38
N VAL B 17 1.51 0.46 13.16
CA VAL B 17 2.63 -0.44 12.86
C VAL B 17 3.96 0.32 13.09
N ILE B 18 3.90 1.63 12.95
CA ILE B 18 5.10 2.45 13.23
C ILE B 18 5.68 2.20 14.62
N ALA B 19 4.81 2.08 15.61
CA ALA B 19 5.18 1.77 16.97
C ALA B 19 5.92 0.46 17.12
N PHE B 20 5.60 -0.50 16.25
CA PHE B 20 6.19 -1.82 16.22
C PHE B 20 7.26 -2.01 15.16
N ALA B 21 7.62 -0.95 14.42
CA ALA B 21 8.55 -1.11 13.33
C ALA B 21 9.88 -1.75 13.70
N ASP B 22 10.47 -1.37 14.84
CA ASP B 22 11.74 -1.93 15.23
C ASP B 22 11.73 -3.48 15.38
N TRP B 23 10.57 -4.04 15.65
CA TRP B 23 10.42 -5.49 15.79
C TRP B 23 10.39 -6.25 14.48
N LEU B 24 10.29 -5.53 13.36
CA LEU B 24 10.46 -6.15 12.05
C LEU B 24 11.85 -6.70 11.90
N GLU B 25 12.87 -5.93 12.26
CA GLU B 25 14.27 -6.40 12.17
C GLU B 25 14.77 -6.91 13.50
N ASN B 26 14.26 -6.33 14.59
CA ASN B 26 14.82 -6.64 15.90
C ASN B 26 13.74 -7.14 16.87
N PRO B 27 13.13 -8.29 16.55
CA PRO B 27 12.09 -8.72 17.45
C PRO B 27 12.72 -9.10 18.79
N PRO B 28 12.06 -8.71 19.87
CA PRO B 28 12.62 -8.96 21.17
C PRO B 28 12.42 -10.42 21.56
N ILE B 29 13.21 -10.86 22.54
CA ILE B 29 13.05 -12.17 23.13
C ILE B 29 12.58 -11.93 24.54
N ILE B 30 11.50 -12.59 24.95
CA ILE B 30 10.94 -12.49 26.29
C ILE B 30 10.77 -13.90 26.84
N ASP B 31 11.30 -14.18 28.04
CA ASP B 31 11.17 -15.52 28.58
C ASP B 31 11.64 -16.63 27.58
N ASN B 32 12.75 -16.36 26.90
CA ASN B 32 13.35 -17.29 25.91
C ASN B 32 12.41 -17.58 24.71
N LYS B 33 11.43 -16.73 24.50
CA LYS B 33 10.49 -16.87 23.38
C LYS B 33 10.67 -15.67 22.48
N LYS B 34 10.72 -15.91 21.18
CA LYS B 34 10.84 -14.81 20.23
C LYS B 34 9.47 -14.16 20.01
N VAL B 35 9.45 -12.84 19.94
CA VAL B 35 8.23 -12.13 19.60
C VAL B 35 8.12 -12.22 18.07
N GLN B 36 6.93 -12.54 17.57
CA GLN B 36 6.74 -12.74 16.15
C GLN B 36 5.63 -11.80 15.74
N VAL B 37 5.94 -10.74 15.00
CA VAL B 37 4.93 -9.77 14.57
C VAL B 37 4.35 -10.20 13.24
N LYS B 38 3.04 -10.21 13.15
CA LYS B 38 2.40 -10.45 11.87
C LYS B 38 1.44 -9.32 11.63
N VAL B 39 1.57 -8.68 10.46
CA VAL B 39 0.75 -7.57 10.11
C VAL B 39 -0.49 -8.15 9.43
N VAL B 40 -1.67 -7.73 9.88
CA VAL B 40 -2.93 -8.16 9.27
C VAL B 40 -3.60 -6.98 8.59
N ASP B 41 -4.43 -7.27 7.57
CA ASP B 41 -4.84 -6.20 6.64
C ASP B 41 -6.06 -5.46 7.16
N SER B 42 -6.89 -6.11 8.00
CA SER B 42 -8.13 -5.51 8.49
C SER B 42 -8.46 -5.79 9.95
N PRO B 43 -9.28 -4.91 10.57
CA PRO B 43 -9.79 -5.14 11.92
C PRO B 43 -10.55 -6.44 12.05
N ASP B 44 -11.30 -6.82 11.01
CA ASP B 44 -12.03 -8.08 11.02
C ASP B 44 -11.10 -9.27 11.12
N LEU B 45 -10.00 -9.21 10.37
CA LEU B 45 -9.00 -10.28 10.40
C LEU B 45 -8.34 -10.32 11.79
N ALA B 46 -8.05 -9.14 12.35
CA ALA B 46 -7.46 -9.04 13.71
C ALA B 46 -8.38 -9.66 14.78
N GLN B 47 -9.65 -9.30 14.70
CA GLN B 47 -10.65 -9.85 15.62
C GLN B 47 -10.74 -11.33 15.53
N ALA B 48 -10.71 -11.85 14.30
CA ALA B 48 -10.89 -13.30 14.09
C ALA B 48 -9.76 -14.04 14.76
N LEU B 49 -8.55 -13.46 14.71
CA LEU B 49 -7.40 -14.13 15.33
C LEU B 49 -7.60 -14.26 16.83
N LEU B 50 -8.19 -13.24 17.46
CA LEU B 50 -8.45 -13.26 18.90
C LEU B 50 -9.61 -14.23 19.22
N ILE B 51 -10.67 -14.18 18.45
CA ILE B 51 -11.83 -15.06 18.68
C ILE B 51 -11.37 -16.52 18.59
N LYS B 52 -10.53 -16.80 17.60
CA LYS B 52 -10.07 -18.17 17.35
C LYS B 52 -8.80 -18.55 18.11
N GLN B 53 -8.37 -17.64 18.97
CA GLN B 53 -7.24 -17.85 19.87
C GLN B 53 -6.01 -18.27 19.07
N GLU B 54 -5.72 -17.48 18.02
CA GLU B 54 -4.59 -17.74 17.13
C GLU B 54 -3.48 -16.68 17.24
N THR B 55 -3.66 -15.74 18.17
CA THR B 55 -2.64 -14.72 18.45
C THR B 55 -2.64 -14.46 19.94
N ASP B 56 -1.52 -13.97 20.44
CA ASP B 56 -1.30 -13.83 21.87
C ASP B 56 -1.57 -12.38 22.27
N ILE B 57 -1.12 -11.45 21.43
CA ILE B 57 -1.26 -10.02 21.65
C ILE B 57 -1.76 -9.44 20.32
N ALA B 58 -2.66 -8.49 20.34
CA ALA B 58 -3.12 -7.92 19.11
C ALA B 58 -3.27 -6.44 19.27
N VAL B 59 -3.10 -5.74 18.18
N VAL B 59 -3.04 -5.76 18.16
CA VAL B 59 -3.11 -4.30 18.19
CA VAL B 59 -3.13 -4.33 18.04
C VAL B 59 -4.13 -3.89 17.14
C VAL B 59 -4.26 -4.06 17.11
N LEU B 60 -5.30 -3.40 17.61
CA LEU B 60 -6.45 -3.13 16.79
C LEU B 60 -7.21 -1.92 17.34
N PRO B 61 -8.21 -1.42 16.61
CA PRO B 61 -8.94 -0.22 17.09
C PRO B 61 -9.60 -0.44 18.44
N ILE B 63 -12.30 0.58 19.57
CA ILE B 63 -13.73 0.18 19.44
C ILE B 63 -13.90 -1.34 19.29
N ASN B 64 -13.05 -1.98 18.48
CA ASN B 64 -13.08 -3.42 18.32
C ASN B 64 -12.71 -4.13 19.62
N ALA B 65 -11.70 -3.63 20.32
CA ALA B 65 -11.29 -4.23 21.57
C ALA B 65 -12.45 -4.21 22.58
N ALA B 66 -13.09 -3.06 22.70
CA ALA B 66 -14.27 -2.92 23.57
C ALA B 66 -15.36 -3.90 23.16
N ASN B 67 -15.62 -3.99 21.86
CA ASN B 67 -16.64 -4.92 21.35
C ASN B 67 -16.35 -6.38 21.74
N LEU B 68 -15.11 -6.80 21.55
CA LEU B 68 -14.74 -8.18 21.86
C LEU B 68 -14.80 -8.45 23.36
N TYR B 69 -14.37 -7.46 24.15
CA TYR B 69 -14.41 -7.59 25.61
C TYR B 69 -15.86 -7.76 26.07
N ASN B 70 -16.74 -6.94 25.49
CA ASN B 70 -18.15 -6.94 25.86
C ASN B 70 -18.81 -8.25 25.46
N LYS B 71 -18.32 -8.83 24.37
CA LYS B 71 -18.86 -10.10 23.89
C LYS B 71 -18.22 -11.30 24.59
N GLY B 72 -17.37 -11.05 25.58
CA GLY B 72 -16.85 -12.11 26.45
C GLY B 72 -15.57 -12.77 25.97
N ILE B 73 -14.93 -12.19 24.97
CA ILE B 73 -13.62 -12.67 24.54
C ILE B 73 -12.59 -12.35 25.64
N LYS B 74 -11.74 -13.32 25.99
CA LYS B 74 -10.80 -13.15 27.11
C LYS B 74 -9.58 -12.35 26.71
N ILE B 75 -9.76 -11.04 26.71
CA ILE B 75 -8.68 -10.10 26.47
C ILE B 75 -8.69 -9.01 27.53
N LYS B 76 -7.54 -8.38 27.71
CA LYS B 76 -7.45 -7.15 28.52
C LYS B 76 -6.67 -6.10 27.77
N LEU B 77 -6.95 -4.84 28.08
CA LEU B 77 -6.24 -3.77 27.42
C LEU B 77 -4.90 -3.53 28.12
N ALA B 78 -3.79 -3.65 27.40
CA ALA B 78 -2.49 -3.27 27.93
C ALA B 78 -2.32 -1.72 27.91
N GLY B 79 -2.66 -1.11 26.79
CA GLY B 79 -2.41 0.31 26.62
C GLY B 79 -2.59 0.76 25.16
N CYS B 80 -2.20 2.01 24.87
CA CYS B 80 -2.35 2.60 23.54
C CYS B 80 -1.02 3.21 23.11
N PRO B 81 -0.56 2.89 21.88
CA PRO B 81 0.75 3.27 21.40
C PRO B 81 0.81 4.47 20.44
N ILE B 82 -0.35 5.04 20.15
CA ILE B 82 -0.47 6.06 19.09
C ILE B 82 -1.59 7.01 19.41
N TRP B 83 -1.32 8.29 19.20
CA TRP B 83 -2.23 9.34 19.71
C TRP B 83 -2.70 10.33 18.65
N GLY B 84 -2.03 10.37 17.51
N GLY B 84 -2.05 10.34 17.49
CA GLY B 84 -2.49 11.17 16.37
CA GLY B 84 -2.46 11.22 16.37
C GLY B 84 -3.93 10.86 15.98
C GLY B 84 -3.83 10.86 15.77
N THR B 85 -4.63 11.88 15.55
CA THR B 85 -6.04 11.70 15.18
C THR B 85 -6.18 12.15 13.73
N LEU B 86 -7.35 12.64 13.33
CA LEU B 86 -7.48 13.21 12.04
C LEU B 86 -6.82 14.57 12.12
N TYR B 87 -6.52 15.10 10.95
CA TYR B 87 -6.16 16.46 10.78
C TYR B 87 -7.11 17.03 9.75
N LEU B 88 -7.38 18.32 9.87
CA LEU B 88 -8.16 19.05 8.86
CA LEU B 88 -8.15 19.03 8.86
C LEU B 88 -7.15 19.68 7.91
N VAL B 89 -7.41 19.55 6.62
CA VAL B 89 -6.57 20.13 5.58
C VAL B 89 -7.41 21.05 4.70
N GLU B 90 -6.74 22.04 4.10
CA GLU B 90 -7.40 22.94 3.15
C GLU B 90 -6.43 23.41 2.09
N LYS B 91 -6.96 23.79 0.93
CA LYS B 91 -6.20 24.56 -0.05
C LYS B 91 -6.57 26.03 0.06
N THR B 92 -5.60 26.91 -0.19
CA THR B 92 -5.89 28.27 -0.61
C THR B 92 -5.49 28.39 -2.09
N PRO B 93 -6.35 29.04 -2.90
CA PRO B 93 -7.62 29.64 -2.46
C PRO B 93 -8.67 28.59 -2.07
N LEU B 94 -9.57 28.95 -1.17
CA LEU B 94 -10.61 28.07 -0.68
C LEU B 94 -11.85 28.25 -1.54
N LYS B 95 -11.87 27.58 -2.68
CA LYS B 95 -12.93 27.79 -3.69
C LYS B 95 -14.31 27.33 -3.22
N GLU B 96 -14.35 26.32 -2.36
CA GLU B 96 -15.58 25.66 -1.90
C GLU B 96 -15.49 25.38 -0.40
N PRO B 97 -16.46 25.85 0.39
CA PRO B 97 -16.35 25.69 1.84
C PRO B 97 -16.62 24.26 2.34
N ALA B 98 -17.15 23.37 1.49
CA ALA B 98 -17.57 22.02 1.94
C ALA B 98 -16.38 21.26 2.50
N LEU B 99 -16.60 20.58 3.62
CA LEU B 99 -15.58 19.74 4.24
C LEU B 99 -15.86 18.27 3.87
N TYR B 100 -14.96 17.67 3.09
CA TYR B 100 -15.11 16.26 2.68
C TYR B 100 -14.68 15.33 3.78
N VAL B 101 -15.55 14.38 4.08
CA VAL B 101 -15.36 13.46 5.19
C VAL B 101 -15.53 12.04 4.68
N PHE B 102 -14.75 11.16 5.25
CA PHE B 102 -14.89 9.74 4.95
C PHE B 102 -15.46 9.03 6.17
N GLY B 103 -15.91 7.80 5.97
CA GLY B 103 -16.38 6.99 7.09
C GLY B 103 -17.65 7.53 7.73
N ASN B 104 -18.63 7.91 6.92
CA ASN B 104 -19.91 8.38 7.46
C ASN B 104 -20.44 7.44 8.55
N GLY B 105 -20.85 8.00 9.68
CA GLY B 105 -21.46 7.21 10.74
C GLY B 105 -20.47 6.45 11.61
N THR B 106 -19.18 6.61 11.35
CA THR B 106 -18.12 5.91 12.07
C THR B 106 -17.09 6.90 12.63
N THR B 107 -16.01 6.37 13.21
CA THR B 107 -15.07 7.17 13.96
C THR B 107 -14.65 8.49 13.32
N PRO B 108 -14.13 8.47 12.06
CA PRO B 108 -13.63 9.71 11.49
C PRO B 108 -14.70 10.77 11.32
N ASP B 109 -15.91 10.35 10.99
CA ASP B 109 -17.04 11.27 10.89
C ASP B 109 -17.39 11.79 12.29
N ILE B 110 -17.42 10.89 13.28
CA ILE B 110 -17.83 11.28 14.64
C ILE B 110 -16.82 12.25 15.27
N LEU B 111 -15.53 11.95 15.12
CA LEU B 111 -14.51 12.86 15.65
C LEU B 111 -14.59 14.23 14.97
N THR B 112 -14.90 14.23 13.68
CA THR B 112 -15.02 15.45 12.89
C THR B 112 -16.20 16.29 13.36
N ARG B 113 -17.35 15.65 13.55
CA ARG B 113 -18.55 16.35 14.01
C ARG B 113 -18.32 16.88 15.43
N TYR B 114 -17.71 16.07 16.29
CA TYR B 114 -17.36 16.49 17.66
C TYR B 114 -16.47 17.72 17.67
N TYR B 115 -15.43 17.69 16.84
CA TYR B 115 -14.52 18.81 16.74
C TYR B 115 -15.20 20.07 16.25
N LEU B 116 -15.95 19.96 15.15
CA LEU B 116 -16.63 21.11 14.57
C LEU B 116 -17.66 21.66 15.56
N GLY B 117 -18.28 20.77 16.33
CA GLY B 117 -19.18 21.19 17.40
C GLY B 117 -18.50 21.97 18.50
N ARG B 118 -17.41 21.43 19.04
CA ARG B 118 -16.64 22.11 20.09
C ARG B 118 -16.12 23.49 19.64
N GLN B 119 -15.73 23.58 18.37
CA GLN B 119 -15.20 24.81 17.80
C GLN B 119 -16.28 25.72 17.24
N ARG B 120 -17.53 25.26 17.28
CA ARG B 120 -18.67 26.03 16.76
C ARG B 120 -18.50 26.48 15.29
N LEU B 121 -18.04 25.54 14.46
CA LEU B 121 -17.78 25.73 13.02
C LEU B 121 -18.93 25.09 12.22
N ASP B 122 -19.46 25.83 11.23
CA ASP B 122 -20.67 25.45 10.52
C ASP B 122 -20.43 24.91 9.11
N TYR B 123 -19.34 24.19 8.87
CA TYR B 123 -19.02 23.73 7.50
C TYR B 123 -20.01 22.66 7.00
N PRO B 124 -20.44 22.78 5.73
CA PRO B 124 -21.24 21.69 5.16
C PRO B 124 -20.34 20.47 4.90
N LEU B 125 -20.91 19.30 5.11
CA LEU B 125 -20.16 18.04 5.09
C LEU B 125 -20.49 17.22 3.84
N ASN B 126 -19.48 16.73 3.14
CA ASN B 126 -19.69 15.99 1.89
C ASN B 126 -19.05 14.60 1.98
N TYR B 127 -19.86 13.58 1.70
CA TYR B 127 -19.48 12.18 1.85
C TYR B 127 -19.32 11.44 0.51
N ALA B 128 -19.21 12.17 -0.59
CA ALA B 128 -19.02 11.57 -1.91
C ALA B 128 -17.76 10.69 -2.01
N PHE B 129 -16.73 10.96 -1.20
CA PHE B 129 -15.57 10.11 -1.14
C PHE B 129 -15.55 9.47 0.25
N ASN B 130 -16.13 8.27 0.38
CA ASN B 130 -16.38 7.68 1.71
C ASN B 130 -15.21 6.86 2.26
N THR B 131 -14.08 6.83 1.56
CA THR B 131 -12.81 6.38 2.12
C THR B 131 -11.75 7.46 1.94
N ALA B 132 -10.66 7.36 2.71
CA ALA B 132 -9.63 8.38 2.69
C ALA B 132 -8.75 8.33 1.45
N GLY B 133 -8.73 7.17 0.80
CA GLY B 133 -8.07 7.00 -0.49
C GLY B 133 -8.81 7.80 -1.55
N GLU B 134 -10.13 7.68 -1.55
CA GLU B 134 -10.97 8.46 -2.46
C GLU B 134 -10.77 9.98 -2.23
N ILE B 135 -10.58 10.43 -0.98
CA ILE B 135 -10.45 11.87 -0.68
C ILE B 135 -9.13 12.43 -1.21
N THR B 136 -8.03 11.70 -0.96
CA THR B 136 -6.71 12.11 -1.40
C THR B 136 -6.70 12.21 -2.92
N GLN B 137 -7.27 11.18 -3.55
CA GLN B 137 -7.53 11.17 -4.99
C GLN B 137 -8.35 12.43 -5.37
N GLY B 138 -9.55 12.55 -4.81
CA GLY B 138 -10.39 13.73 -5.00
C GLY B 138 -9.71 15.08 -4.77
N ILE B 139 -8.81 15.14 -3.79
CA ILE B 139 -7.97 16.34 -3.58
C ILE B 139 -6.98 16.51 -4.74
N LEU B 140 -6.46 15.37 -5.21
CA LEU B 140 -5.53 15.35 -6.33
C LEU B 140 -6.23 15.87 -7.58
N ALA B 141 -7.46 15.38 -7.79
CA ALA B 141 -8.32 15.80 -8.90
C ALA B 141 -8.65 17.30 -8.88
N GLY B 142 -8.69 17.89 -7.69
CA GLY B 142 -9.00 19.31 -7.54
C GLY B 142 -10.47 19.58 -7.30
N LYS B 143 -11.21 18.53 -6.92
CA LYS B 143 -12.60 18.64 -6.49
C LYS B 143 -12.75 18.95 -4.97
N VAL B 144 -11.72 18.67 -4.17
CA VAL B 144 -11.80 18.82 -2.70
C VAL B 144 -10.93 19.99 -2.20
N ASN B 145 -11.53 20.99 -1.57
CA ASN B 145 -10.74 22.12 -1.00
C ASN B 145 -10.54 22.06 0.51
N ARG B 146 -11.20 21.11 1.14
CA ARG B 146 -11.22 21.03 2.59
C ARG B 146 -11.66 19.61 2.97
N ALA B 147 -10.90 18.96 3.85
CA ALA B 147 -11.12 17.55 4.14
C ALA B 147 -10.50 17.18 5.46
N VAL B 148 -10.93 16.05 5.99
CA VAL B 148 -10.23 15.41 7.08
C VAL B 148 -9.48 14.19 6.53
N LEU B 149 -8.24 14.03 6.98
CA LEU B 149 -7.42 12.91 6.59
C LEU B 149 -6.64 12.42 7.81
N GLY B 150 -6.43 11.10 7.87
CA GLY B 150 -5.42 10.54 8.76
C GLY B 150 -4.23 10.01 7.99
N GLU B 151 -3.18 9.72 8.71
CA GLU B 151 -1.98 9.12 8.13
C GLU B 151 -2.24 7.66 7.71
N PRO B 152 -1.57 7.22 6.64
CA PRO B 152 -0.59 7.88 5.79
C PRO B 152 -1.16 8.78 4.68
N PHE B 153 -2.47 8.79 4.52
CA PHE B 153 -3.08 9.45 3.37
C PHE B 153 -2.87 10.96 3.43
N LEU B 154 -2.79 11.49 4.64
CA LEU B 154 -2.50 12.87 4.87
C LEU B 154 -1.12 13.24 4.32
N SER B 155 -0.11 12.42 4.57
CA SER B 155 1.22 12.68 3.98
C SER B 155 1.21 12.55 2.45
N ILE B 156 0.47 11.57 1.92
CA ILE B 156 0.42 11.26 0.48
C ILE B 156 -0.26 12.42 -0.25
N ALA B 157 -1.35 12.91 0.34
CA ALA B 157 -2.09 14.08 -0.15
C ALA B 157 -1.26 15.34 -0.07
N LEU B 158 -0.72 15.64 1.11
CA LEU B 158 0.09 16.88 1.31
C LEU B 158 1.30 16.97 0.37
N ARG B 159 1.81 15.82 -0.06
CA ARG B 159 3.04 15.76 -0.85
C ARG B 159 2.72 16.19 -2.26
N LYS B 160 1.75 15.51 -2.86
CA LYS B 160 1.29 15.79 -4.20
C LYS B 160 0.85 17.27 -4.41
N ASP B 161 0.40 17.95 -3.35
CA ASP B 161 -0.15 19.31 -3.48
C ASP B 161 0.42 20.34 -2.52
N SER B 162 1.26 21.24 -3.02
CA SER B 162 1.83 22.29 -2.18
C SER B 162 0.81 23.34 -1.70
N SER B 163 -0.32 23.46 -2.41
CA SER B 163 -1.39 24.36 -1.98
CA SER B 163 -1.39 24.36 -1.98
C SER B 163 -2.09 23.83 -0.73
N LEU B 164 -2.07 22.49 -0.58
CA LEU B 164 -2.69 21.82 0.58
C LEU B 164 -1.94 22.07 1.87
N ARG B 165 -2.68 22.44 2.91
CA ARG B 165 -2.08 22.73 4.22
C ARG B 165 -2.94 22.18 5.39
N ILE B 166 -2.29 21.79 6.49
CA ILE B 166 -2.99 21.41 7.72
C ILE B 166 -3.47 22.67 8.40
N THR B 167 -4.74 22.68 8.78
CA THR B 167 -5.30 23.85 9.46
C THR B 167 -5.75 23.51 10.86
N ALA B 168 -5.80 22.23 11.20
CA ALA B 168 -6.20 21.83 12.52
C ALA B 168 -5.80 20.40 12.79
N ASP B 169 -5.44 20.16 14.03
CA ASP B 169 -5.28 18.85 14.58
C ASP B 169 -6.59 18.73 15.27
N LEU B 170 -7.36 17.68 14.99
CA LEU B 170 -8.69 17.55 15.58
CA LEU B 170 -8.69 17.60 15.57
C LEU B 170 -8.56 17.45 17.10
N ASN B 171 -7.37 17.07 17.56
CA ASN B 171 -7.09 17.05 19.00
C ASN B 171 -7.02 18.43 19.68
N HIS B 172 -6.76 19.49 18.89
CA HIS B 172 -6.54 20.84 19.44
C HIS B 172 -7.83 21.62 19.63
N LEU B 173 -8.34 21.62 20.86
CA LEU B 173 -9.53 22.42 21.25
C LEU B 173 -9.25 23.52 22.30
N THR B 174 -8.24 23.30 23.15
CA THR B 174 -7.89 24.17 24.28
C THR B 174 -6.40 24.57 24.25
N ASP B 175 -5.99 25.38 25.23
CA ASP B 175 -4.58 25.81 25.38
C ASP B 175 -3.72 24.79 26.14
N ASN B 176 -4.38 23.82 26.80
CA ASN B 176 -3.71 22.69 27.45
C ASN B 176 -4.48 21.37 27.05
N ASP B 177 -4.22 20.93 25.82
CA ASP B 177 -4.80 19.70 25.32
C ASP B 177 -4.19 18.49 26.01
N THR B 178 -5.04 17.53 26.35
CA THR B 178 -4.54 16.23 26.73
C THR B 178 -3.94 15.60 25.46
N LEU B 179 -3.14 14.56 25.64
CA LEU B 179 -2.57 13.84 24.50
C LEU B 179 -3.64 13.39 23.52
N GLY B 180 -4.86 13.22 24.03
CA GLY B 180 -6.02 13.00 23.19
C GLY B 180 -6.67 11.65 23.44
N PHE B 181 -7.60 11.30 22.56
CA PHE B 181 -8.37 10.08 22.66
C PHE B 181 -7.49 8.89 22.40
N ALA B 182 -7.77 7.80 23.09
CA ALA B 182 -7.04 6.56 22.93
C ALA B 182 -7.81 5.68 21.95
N GLN B 183 -7.38 5.71 20.67
CA GLN B 183 -8.15 5.08 19.58
C GLN B 183 -7.69 3.71 19.19
N THR B 184 -6.47 3.35 19.60
CA THR B 184 -5.84 2.09 19.26
C THR B 184 -5.52 1.30 20.51
N ALA B 185 -5.98 0.06 20.57
CA ALA B 185 -5.73 -0.86 21.66
C ALA B 185 -4.58 -1.84 21.40
N VAL B 186 -3.69 -2.02 22.38
CA VAL B 186 -2.89 -3.23 22.43
CA VAL B 186 -2.88 -3.23 22.44
C VAL B 186 -3.57 -4.12 23.48
N VAL B 187 -4.04 -5.29 23.06
CA VAL B 187 -4.75 -6.19 23.95
C VAL B 187 -4.01 -7.49 24.08
N TYR B 188 -4.22 -8.19 25.20
CA TYR B 188 -3.53 -9.42 25.46
C TYR B 188 -4.44 -10.47 26.10
N THR B 189 -4.00 -11.72 25.97
CA THR B 189 -4.73 -12.88 26.49
C THR B 189 -4.18 -13.33 27.84
N PRO B 190 -4.90 -14.21 28.54
CA PRO B 190 -4.53 -14.61 29.91
C PRO B 190 -3.10 -15.14 30.12
N THR B 191 -2.57 -15.92 29.19
CA THR B 191 -1.21 -16.45 29.34
C THR B 191 -0.13 -15.37 29.12
N GLU B 193 -0.35 -12.42 30.82
CA GLU B 193 -0.22 -11.62 32.05
C GLU B 193 1.21 -11.55 32.59
N LYS B 194 1.87 -12.72 32.72
CA LYS B 194 3.23 -12.79 33.26
C LYS B 194 4.24 -12.04 32.43
N TYR B 195 3.88 -11.73 31.17
CA TYR B 195 4.73 -11.00 30.28
C TYR B 195 4.35 -9.51 30.14
N ARG B 196 3.33 -9.05 30.83
CA ARG B 196 2.80 -7.70 30.57
C ARG B 196 3.85 -6.60 30.70
N ILE B 197 4.52 -6.55 31.84
CA ILE B 197 5.56 -5.52 32.04
C ILE B 197 6.69 -5.67 31.03
N ALA B 198 7.18 -6.91 30.81
CA ALA B 198 8.30 -7.13 29.82
C ALA B 198 7.89 -6.64 28.43
N PHE B 199 6.67 -6.95 28.02
CA PHE B 199 6.20 -6.56 26.72
CA PHE B 199 6.16 -6.56 26.70
C PHE B 199 6.00 -5.03 26.62
N GLU B 200 5.43 -4.45 27.66
CA GLU B 200 5.23 -2.99 27.66
C GLU B 200 6.55 -2.25 27.61
N ASP B 201 7.55 -2.69 28.38
CA ASP B 201 8.85 -2.08 28.31
C ASP B 201 9.46 -2.21 26.92
N ALA B 202 9.29 -3.37 26.29
CA ALA B 202 9.83 -3.57 24.94
C ALA B 202 9.08 -2.64 23.96
N LEU B 203 7.79 -2.49 24.17
CA LEU B 203 7.01 -1.67 23.24
C LEU B 203 7.37 -0.21 23.46
N ARG B 204 7.57 0.21 24.71
CA ARG B 204 8.11 1.57 24.93
C ARG B 204 9.41 1.83 24.19
N ALA B 205 10.35 0.87 24.23
CA ALA B 205 11.62 1.01 23.53
C ALA B 205 11.38 1.17 22.00
N SER B 206 10.48 0.35 21.47
CA SER B 206 10.17 0.37 20.03
C SER B 206 9.56 1.70 19.60
N CYS B 207 8.69 2.23 20.44
CA CYS B 207 8.07 3.53 20.23
C CYS B 207 9.12 4.64 20.23
N GLN B 208 10.01 4.61 21.21
CA GLN B 208 11.04 5.65 21.33
CA GLN B 208 11.04 5.65 21.32
C GLN B 208 11.99 5.56 20.15
N LYS B 209 12.20 4.35 19.63
CA LYS B 209 13.07 4.21 18.48
C LYS B 209 12.49 4.91 17.27
N ALA B 210 11.18 4.75 17.06
CA ALA B 210 10.51 5.46 15.99
C ALA B 210 10.68 6.96 16.10
N VAL B 211 10.50 7.48 17.32
CA VAL B 211 10.59 8.92 17.54
C VAL B 211 12.00 9.46 17.34
N ARG B 212 12.98 8.71 17.83
CA ARG B 212 14.36 9.09 17.79
C ARG B 212 15.06 8.82 16.45
N TYR B 213 14.60 7.78 15.73
CA TYR B 213 15.18 7.41 14.47
C TYR B 213 14.15 7.31 13.38
N PRO B 214 13.49 8.42 13.04
CA PRO B 214 12.39 8.36 12.07
C PRO B 214 12.83 7.92 10.66
N LYS B 215 13.98 8.39 10.20
CA LYS B 215 14.43 7.99 8.85
C LYS B 215 14.67 6.48 8.76
N GLU B 216 15.38 5.94 9.75
CA GLU B 216 15.69 4.51 9.79
C GLU B 216 14.41 3.70 9.93
N THR B 217 13.48 4.21 10.72
CA THR B 217 12.18 3.56 10.91
C THR B 217 11.39 3.47 9.61
N ILE B 218 11.26 4.59 8.91
CA ILE B 218 10.59 4.66 7.63
C ILE B 218 11.28 3.72 6.62
N HIS B 219 12.60 3.76 6.57
CA HIS B 219 13.34 2.88 5.65
C HIS B 219 13.04 1.41 5.92
N SER B 220 13.01 1.02 7.19
CA SER B 220 12.69 -0.38 7.53
C SER B 220 11.27 -0.73 7.08
N LEU B 221 10.33 0.16 7.38
CA LEU B 221 8.92 -0.04 6.96
C LEU B 221 8.77 -0.19 5.43
N GLU B 222 9.53 0.61 4.68
CA GLU B 222 9.52 0.53 3.23
C GLU B 222 10.13 -0.77 2.74
N GLU B 223 11.28 -1.12 3.31
CA GLU B 223 12.01 -2.34 2.88
C GLU B 223 11.27 -3.61 3.20
N HIS B 224 10.36 -3.57 4.18
CA HIS B 224 9.46 -4.71 4.49
C HIS B 224 8.10 -4.64 3.85
N GLY B 225 7.91 -3.70 2.93
CA GLY B 225 6.65 -3.58 2.25
C GLY B 225 5.45 -3.23 3.12
N ILE B 226 5.64 -2.50 4.22
CA ILE B 226 4.47 -2.12 5.05
C ILE B 226 3.82 -0.85 4.53
N PHE B 227 4.66 0.10 4.10
CA PHE B 227 4.20 1.29 3.48
C PHE B 227 4.91 1.45 2.17
N ALA B 228 4.21 2.05 1.21
CA ALA B 228 4.77 2.45 -0.05
C ALA B 228 5.91 3.43 0.21
N GLN B 229 6.94 3.31 -0.61
CA GLN B 229 8.06 4.20 -0.57
C GLN B 229 7.56 5.63 -0.71
N GLY B 230 8.03 6.47 0.19
CA GLY B 230 7.75 7.89 0.17
C GLY B 230 6.44 8.31 0.80
N ALA B 231 5.59 7.35 1.15
N ALA B 231 5.65 7.33 1.25
CA ALA B 231 4.34 7.66 1.85
CA ALA B 231 4.32 7.57 1.85
C ALA B 231 4.68 8.44 3.10
C ALA B 231 4.33 7.99 3.33
N LEU B 232 5.50 7.84 3.97
CA LEU B 232 5.79 8.46 5.26
C LEU B 232 7.02 9.31 5.20
N THR B 233 7.00 10.40 5.98
CA THR B 233 8.18 11.24 6.18
C THR B 233 8.35 11.39 7.69
N PRO B 234 9.47 11.96 8.12
CA PRO B 234 9.61 12.17 9.56
C PRO B 234 8.46 13.02 10.16
N LYS B 235 7.89 13.95 9.41
CA LYS B 235 6.74 14.71 9.90
CA LYS B 235 6.75 14.71 9.91
C LYS B 235 5.51 13.83 10.09
N SER B 236 5.35 12.81 9.25
CA SER B 236 4.28 11.86 9.41
C SER B 236 4.38 11.18 10.77
N ILE B 237 5.58 10.78 11.12
CA ILE B 237 5.82 10.12 12.40
C ILE B 237 5.46 11.06 13.55
N GLU B 238 5.87 12.32 13.46
CA GLU B 238 5.49 13.32 14.48
C GLU B 238 3.97 13.45 14.59
N ARG B 239 3.27 13.55 13.48
CA ARG B 239 1.80 13.67 13.53
C ARG B 239 1.08 12.45 14.06
N CYS B 240 1.72 11.29 13.97
CA CYS B 240 1.14 10.07 14.57
C CYS B 240 1.23 10.02 16.10
N LYS B 241 2.12 10.81 16.70
CA LYS B 241 2.31 10.88 18.16
C LYS B 241 2.51 9.46 18.72
N ILE B 242 3.65 8.90 18.35
CA ILE B 242 3.99 7.53 18.73
C ILE B 242 4.51 7.56 20.17
N TYR B 243 3.82 6.86 21.07
CA TYR B 243 4.06 6.97 22.52
C TYR B 243 3.19 5.93 23.21
N TYR B 244 3.81 5.04 23.99
CA TYR B 244 3.06 3.98 24.67
C TYR B 244 2.69 4.41 26.04
N LEU B 245 1.40 4.34 26.35
CA LEU B 245 0.89 4.65 27.67
C LEU B 245 0.02 3.51 28.13
N SER B 246 0.29 3.01 29.34
CA SER B 246 -0.46 1.90 29.90
CA SER B 246 -0.46 1.93 29.96
CA SER B 246 -0.47 1.89 29.89
C SER B 246 -1.93 2.30 30.11
N ALA B 247 -2.81 1.30 30.08
CA ALA B 247 -4.24 1.53 30.06
C ALA B 247 -4.75 2.30 31.27
N ILE B 248 -4.20 2.03 32.44
CA ILE B 248 -4.67 2.71 33.65
C ILE B 248 -4.29 4.20 33.56
N GLU B 249 -3.11 4.51 33.04
CA GLU B 249 -2.75 5.90 32.84
C GLU B 249 -3.58 6.56 31.74
N ALA B 250 -4.09 5.78 30.81
CA ALA B 250 -4.87 6.27 29.67
C ALA B 250 -6.38 6.12 29.92
N LYS B 251 -6.78 5.85 31.15
CA LYS B 251 -8.17 5.49 31.43
C LYS B 251 -9.18 6.52 30.89
N ASP B 252 -8.96 7.80 31.16
CA ASP B 252 -9.89 8.85 30.73
C ASP B 252 -9.89 8.98 29.21
N ALA B 253 -8.70 8.83 28.63
CA ALA B 253 -8.57 8.92 27.17
C ALA B 253 -9.32 7.76 26.52
N VAL B 254 -9.33 6.60 27.17
CA VAL B 254 -10.01 5.44 26.63
C VAL B 254 -11.54 5.66 26.80
N GLY B 256 -13.40 8.20 27.70
CA GLY B 256 -13.83 9.42 27.02
C GLY B 256 -14.13 9.20 25.55
N PHE B 257 -13.26 8.45 24.90
CA PHE B 257 -13.39 8.15 23.48
C PHE B 257 -14.54 7.19 23.23
N LEU B 258 -14.60 6.11 24.01
CA LEU B 258 -15.61 5.10 23.84
C LEU B 258 -16.99 5.67 24.14
N ARG B 259 -17.05 6.71 24.97
CA ARG B 259 -18.35 7.37 25.28
C ARG B 259 -18.82 8.16 24.10
N LEU B 260 -17.89 8.80 23.38
CA LEU B 260 -18.24 9.55 22.17
C LEU B 260 -18.78 8.57 21.11
N ILE B 261 -18.00 7.54 20.82
CA ILE B 261 -18.38 6.61 19.77
C ILE B 261 -19.72 5.93 20.10
N GLU B 262 -19.90 5.56 21.37
CA GLU B 262 -21.07 4.76 21.80
C GLU B 262 -22.37 5.56 21.82
N GLN B 263 -22.29 6.86 22.02
CA GLN B 263 -23.47 7.70 21.89
C GLN B 263 -23.98 7.75 20.44
N TYR B 264 -23.07 7.73 19.46
CA TYR B 264 -23.42 7.82 18.03
C TYR B 264 -23.36 6.52 17.23
N GLU B 265 -22.68 5.50 17.74
CA GLU B 265 -22.49 4.23 17.00
C GLU B 265 -22.39 3.05 18.00
N PRO B 266 -23.46 2.83 18.78
CA PRO B 266 -23.47 1.80 19.82
C PRO B 266 -23.10 0.38 19.36
N LYS B 267 -23.41 0.05 18.11
CA LYS B 267 -23.08 -1.26 17.54
C LYS B 267 -21.58 -1.51 17.53
N ALA B 268 -20.81 -0.46 17.23
CA ALA B 268 -19.37 -0.61 17.07
C ALA B 268 -18.69 -0.98 18.39
N VAL B 269 -19.25 -0.53 19.50
CA VAL B 269 -18.61 -0.80 20.81
C VAL B 269 -19.24 -1.97 21.57
N GLY B 270 -20.29 -2.58 20.99
CA GLY B 270 -20.99 -3.69 21.62
C GLY B 270 -22.29 -3.30 22.29
N GLY B 271 -22.67 -2.03 22.16
CA GLY B 271 -23.95 -1.54 22.71
C GLY B 271 -23.88 -1.03 24.13
N ARG B 272 -22.68 -1.07 24.72
CA ARG B 272 -22.42 -0.45 26.02
C ARG B 272 -20.94 -0.18 26.17
N LEU B 273 -20.61 0.70 27.09
CA LEU B 273 -19.23 0.93 27.49
C LEU B 273 -18.72 -0.32 28.20
N PRO B 274 -17.44 -0.67 27.99
CA PRO B 274 -16.92 -1.87 28.67
C PRO B 274 -16.88 -1.63 30.16
N ASP B 275 -17.12 -2.67 30.96
CA ASP B 275 -17.10 -2.53 32.39
C ASP B 275 -15.65 -2.36 32.87
N ALA B 276 -15.43 -2.29 34.17
CA ALA B 276 -14.10 -2.02 34.75
C ALA B 276 -13.01 -3.03 34.36
N GLY B 277 -13.30 -4.32 34.38
CA GLY B 277 -12.27 -5.33 34.05
C GLY B 277 -11.57 -5.22 32.68
N PHE B 278 -12.01 -4.29 31.83
CA PHE B 278 -11.35 -4.02 30.53
C PHE B 278 -9.96 -3.42 30.78
N ILE B 279 -9.91 -2.50 31.74
CA ILE B 279 -8.74 -1.73 32.08
C ILE B 279 -8.27 -2.17 33.46
N PRO B 280 -7.31 -3.11 33.50
CA PRO B 280 -6.78 -3.50 34.81
C PRO B 280 -5.87 -2.41 35.37
N GLU B 281 -5.64 -2.45 36.67
CA GLU B 281 -4.95 -1.37 37.39
C GLU B 281 -3.44 -1.33 37.10
#